data_2IA9
#
_entry.id   2IA9
#
_cell.length_a   136.464
_cell.length_b   136.464
_cell.length_c   110.493
_cell.angle_alpha   90.00
_cell.angle_beta   90.00
_cell.angle_gamma   90.00
#
_symmetry.space_group_name_H-M   'P 41 21 2'
#
loop_
_entity.id
_entity.type
_entity.pdbx_description
1 polymer 'Putative septation protein spoVG'
2 non-polymer 'SULFATE ION'
3 non-polymer DI(HYDROXYETHYL)ETHER
4 water water
#
_entity_poly.entity_id   1
_entity_poly.type   'polypeptide(L)'
_entity_poly.pdbx_seq_one_letter_code
;SNA(MSE)EVTDVRLRRVNTDGR(MSE)RAIASITLDHEFVVHDIRVIDGNNGLFVA(MSE)PSKRTPDGEFRDITHPIN
SSTRGKIQDAVLNEYHRLGDTEALEFEEAGAS
;
_entity_poly.pdbx_strand_id   A,B,C,D,E,F
#
loop_
_chem_comp.id
_chem_comp.type
_chem_comp.name
_chem_comp.formula
PEG non-polymer DI(HYDROXYETHYL)ETHER 'C4 H10 O3'
SO4 non-polymer 'SULFATE ION' 'O4 S -2'
#
# COMPACT_ATOMS: atom_id res chain seq x y z
N ASN A 2 7.26 1.60 -11.64
CA ASN A 2 6.95 2.96 -12.15
C ASN A 2 5.61 3.57 -11.67
N ALA A 3 5.64 4.83 -11.21
CA ALA A 3 4.43 5.60 -10.86
C ALA A 3 3.72 6.01 -12.13
N MSE A 4 2.47 6.44 -12.00
CA MSE A 4 1.71 6.81 -13.18
C MSE A 4 1.78 8.30 -13.47
O MSE A 4 2.15 9.10 -12.63
CB MSE A 4 0.27 6.31 -13.10
CG MSE A 4 -0.73 7.39 -13.05
SE MSE A 4 -0.85 8.16 -11.31
CE MSE A 4 0.69 7.47 -10.31
N GLU A 5 1.39 8.65 -14.68
CA GLU A 5 1.80 9.89 -15.27
C GLU A 5 0.70 10.48 -16.13
N VAL A 6 0.31 11.72 -15.83
CA VAL A 6 -0.55 12.49 -16.74
C VAL A 6 0.32 12.86 -17.91
N THR A 7 -0.11 12.45 -19.09
CA THR A 7 0.74 12.38 -20.25
C THR A 7 0.18 13.28 -21.33
N ASP A 8 -1.00 13.82 -21.05
CA ASP A 8 -1.73 14.68 -21.96
C ASP A 8 -2.99 15.12 -21.29
N VAL A 9 -3.45 16.32 -21.65
CA VAL A 9 -4.67 16.91 -21.12
C VAL A 9 -5.37 17.54 -22.31
N ARG A 10 -6.68 17.32 -22.39
CA ARG A 10 -7.53 17.96 -23.37
C ARG A 10 -8.50 18.81 -22.57
N LEU A 11 -8.69 20.05 -22.95
CA LEU A 11 -9.49 20.90 -22.11
C LEU A 11 -10.36 21.88 -22.87
N ARG A 12 -11.56 22.09 -22.37
CA ARG A 12 -12.52 23.01 -22.96
C ARG A 12 -12.93 24.01 -21.88
N ARG A 13 -12.66 25.29 -22.15
CA ARG A 13 -13.04 26.32 -21.19
C ARG A 13 -14.56 26.49 -21.15
N VAL A 14 -15.11 26.60 -19.94
CA VAL A 14 -16.53 26.88 -19.77
C VAL A 14 -16.73 28.34 -19.39
N ASN A 15 -17.60 29.02 -20.14
CA ASN A 15 -17.80 30.47 -20.02
C ASN A 15 -19.11 30.87 -19.37
N THR A 16 -20.08 29.95 -19.35
CA THR A 16 -21.29 30.07 -18.52
C THR A 16 -20.86 30.26 -17.08
N ASP A 17 -21.28 31.33 -16.42
CA ASP A 17 -20.94 31.45 -15.01
C ASP A 17 -21.70 30.44 -14.12
N GLY A 18 -21.25 30.34 -12.87
CA GLY A 18 -21.40 29.18 -12.05
C GLY A 18 -20.00 28.94 -11.53
N ARG A 19 -19.77 27.81 -10.87
CA ARG A 19 -18.46 27.55 -10.25
C ARG A 19 -17.49 26.98 -11.24
N MSE A 20 -18.01 26.21 -12.18
CA MSE A 20 -17.19 25.45 -13.10
C MSE A 20 -16.53 26.27 -14.21
O MSE A 20 -17.22 26.94 -14.95
CB MSE A 20 -18.08 24.37 -13.70
CG MSE A 20 -17.57 23.84 -14.98
SE MSE A 20 -18.29 22.10 -15.20
CE MSE A 20 -20.25 22.42 -14.97
N ARG A 21 -15.19 26.18 -14.34
CA ARG A 21 -14.45 26.94 -15.36
C ARG A 21 -13.92 26.13 -16.53
N ALA A 22 -13.92 24.81 -16.43
CA ALA A 22 -13.49 24.00 -17.57
C ALA A 22 -13.81 22.54 -17.35
N ILE A 23 -13.93 21.81 -18.44
CA ILE A 23 -14.14 20.37 -18.37
C ILE A 23 -13.06 19.73 -19.22
N ALA A 24 -12.49 18.63 -18.72
CA ALA A 24 -11.29 18.10 -19.36
C ALA A 24 -11.21 16.59 -19.30
N SER A 25 -10.27 16.04 -20.06
CA SER A 25 -9.89 14.65 -19.95
C SER A 25 -8.38 14.59 -19.78
N ILE A 26 -7.92 13.59 -19.04
CA ILE A 26 -6.49 13.33 -18.89
C ILE A 26 -6.09 12.04 -19.61
N THR A 27 -4.87 12.01 -20.13
CA THR A 27 -4.27 10.80 -20.65
C THR A 27 -3.21 10.28 -19.68
N LEU A 28 -3.47 9.10 -19.14
CA LEU A 28 -2.57 8.41 -18.23
C LEU A 28 -1.71 7.40 -18.98
N ASP A 29 -0.39 7.51 -18.79
CA ASP A 29 0.63 6.66 -19.43
C ASP A 29 0.53 6.54 -20.97
N HIS A 30 0.16 7.61 -21.66
CA HIS A 30 0.10 7.58 -23.14
C HIS A 30 -0.97 6.62 -23.68
N GLU A 31 -1.91 6.24 -22.81
CA GLU A 31 -2.62 5.00 -23.01
C GLU A 31 -4.07 5.04 -22.59
N PHE A 32 -4.32 5.58 -21.40
CA PHE A 32 -5.61 5.46 -20.74
C PHE A 32 -6.20 6.85 -20.53
N VAL A 33 -7.39 7.09 -21.08
CA VAL A 33 -8.02 8.41 -21.02
C VAL A 33 -9.14 8.45 -19.99
N VAL A 34 -9.16 9.49 -19.18
CA VAL A 34 -10.23 9.66 -18.20
C VAL A 34 -10.99 10.92 -18.55
N HIS A 35 -12.32 10.77 -18.67
CA HIS A 35 -13.22 11.87 -19.08
C HIS A 35 -13.95 12.54 -17.92
N ASP A 36 -14.53 13.71 -18.16
CA ASP A 36 -15.42 14.42 -17.21
C ASP A 36 -14.73 14.93 -15.97
N ILE A 37 -13.53 15.46 -16.14
CA ILE A 37 -12.86 16.07 -15.03
C ILE A 37 -13.18 17.56 -15.05
N ARG A 38 -13.64 18.10 -13.92
CA ARG A 38 -14.08 19.49 -13.90
C ARG A 38 -13.11 20.40 -13.21
N VAL A 39 -12.79 21.51 -13.84
CA VAL A 39 -12.08 22.59 -13.19
C VAL A 39 -13.11 23.51 -12.56
N ILE A 40 -12.89 23.86 -11.30
CA ILE A 40 -13.88 24.61 -10.55
C ILE A 40 -13.26 25.75 -9.74
N ASP A 41 -13.96 26.88 -9.67
CA ASP A 41 -13.63 27.98 -8.76
C ASP A 41 -14.44 27.80 -7.49
N GLY A 42 -13.84 27.15 -6.49
CA GLY A 42 -14.43 27.01 -5.16
C GLY A 42 -13.81 28.09 -4.29
N ASN A 43 -14.51 28.52 -3.25
CA ASN A 43 -14.12 29.74 -2.53
C ASN A 43 -12.82 29.62 -1.77
N ASN A 44 -11.75 29.27 -2.48
CA ASN A 44 -10.45 28.94 -1.88
C ASN A 44 -9.40 28.70 -2.92
N GLY A 45 -9.80 28.76 -4.18
CA GLY A 45 -8.90 28.63 -5.32
C GLY A 45 -9.46 27.64 -6.32
N LEU A 46 -8.83 27.56 -7.48
CA LEU A 46 -9.19 26.59 -8.49
C LEU A 46 -8.87 25.19 -8.01
N PHE A 47 -9.73 24.24 -8.30
CA PHE A 47 -9.44 22.85 -7.98
C PHE A 47 -10.08 21.89 -8.98
N VAL A 48 -9.53 20.69 -9.03
CA VAL A 48 -9.91 19.70 -10.02
C VAL A 48 -10.70 18.56 -9.39
N ALA A 49 -11.91 18.34 -9.88
CA ALA A 49 -12.73 17.24 -9.39
C ALA A 49 -12.73 16.05 -10.34
N MSE A 50 -12.46 14.88 -9.78
CA MSE A 50 -12.60 13.62 -10.48
C MSE A 50 -14.03 13.45 -10.89
O MSE A 50 -14.91 14.01 -10.24
CB MSE A 50 -12.23 12.47 -9.54
CG MSE A 50 -10.77 12.39 -9.18
SE MSE A 50 -9.69 12.43 -10.78
CE MSE A 50 -8.95 14.23 -10.63
N PRO A 51 -14.29 12.68 -11.96
CA PRO A 51 -15.64 12.25 -12.31
C PRO A 51 -16.27 11.46 -11.17
N SER A 52 -17.44 11.90 -10.73
CA SER A 52 -18.04 11.39 -9.50
C SER A 52 -19.41 10.78 -9.71
N LYS A 53 -19.80 9.89 -8.80
CA LYS A 53 -21.09 9.25 -8.85
C LYS A 53 -21.77 9.42 -7.52
N ARG A 54 -23.02 9.88 -7.57
CA ARG A 54 -23.89 9.88 -6.38
C ARG A 54 -24.40 8.47 -6.11
N THR A 55 -24.25 8.01 -4.88
CA THR A 55 -24.83 6.73 -4.47
C THR A 55 -26.35 6.90 -4.14
N PRO A 56 -27.19 5.84 -4.38
CA PRO A 56 -28.59 5.82 -3.88
C PRO A 56 -28.61 5.76 -2.34
N ASP A 57 -28.37 6.92 -1.71
CA ASP A 57 -27.76 7.03 -0.39
C ASP A 57 -27.53 8.52 -0.14
N GLY A 58 -27.70 9.32 -1.19
CA GLY A 58 -27.43 10.77 -1.17
C GLY A 58 -25.95 11.11 -1.36
N GLU A 59 -25.09 10.17 -0.98
CA GLU A 59 -23.63 10.36 -0.88
C GLU A 59 -22.89 10.32 -2.22
N PHE A 60 -21.59 10.65 -2.19
CA PHE A 60 -20.79 10.79 -3.40
C PHE A 60 -19.46 10.05 -3.34
N ARG A 61 -19.17 9.30 -4.39
CA ARG A 61 -17.81 8.82 -4.57
C ARG A 61 -17.33 9.01 -6.00
N ASP A 62 -16.03 9.26 -6.14
CA ASP A 62 -15.45 9.38 -7.46
C ASP A 62 -15.40 8.03 -8.12
N ILE A 63 -15.52 8.03 -9.43
CA ILE A 63 -15.48 6.82 -10.24
C ILE A 63 -14.01 6.46 -10.47
N THR A 64 -13.20 7.49 -10.38
CA THR A 64 -11.81 7.48 -10.72
C THR A 64 -11.09 8.13 -9.53
N HIS A 65 -10.47 7.31 -8.70
CA HIS A 65 -9.95 7.75 -7.41
C HIS A 65 -8.42 7.62 -7.28
N PRO A 66 -7.68 8.76 -7.11
CA PRO A 66 -6.25 8.72 -6.75
C PRO A 66 -6.09 8.32 -5.29
N ILE A 67 -5.09 7.50 -4.96
CA ILE A 67 -5.00 6.97 -3.59
C ILE A 67 -4.32 7.92 -2.64
N ASN A 68 -3.22 8.55 -3.07
CA ASN A 68 -2.53 9.55 -2.27
C ASN A 68 -3.12 10.87 -2.65
N SER A 69 -2.92 11.86 -1.80
CA SER A 69 -3.12 13.24 -2.16
C SER A 69 -2.02 13.73 -3.10
N SER A 70 -0.83 13.15 -3.04
CA SER A 70 0.27 13.54 -3.94
C SER A 70 -0.06 13.24 -5.39
N THR A 71 -0.55 12.02 -5.66
CA THR A 71 -0.91 11.67 -7.04
C THR A 71 -2.14 12.44 -7.47
N ARG A 72 -3.07 12.67 -6.54
CA ARG A 72 -4.14 13.64 -6.78
C ARG A 72 -3.53 14.98 -7.25
N GLY A 73 -2.61 15.52 -6.48
CA GLY A 73 -1.98 16.76 -6.84
C GLY A 73 -1.24 16.68 -8.16
N LYS A 74 -0.78 15.49 -8.53
CA LYS A 74 -0.03 15.44 -9.78
C LYS A 74 -1.00 15.43 -10.96
N ILE A 75 -2.18 14.88 -10.74
CA ILE A 75 -3.28 15.05 -11.66
C ILE A 75 -3.74 16.51 -11.68
N GLN A 76 -4.00 17.08 -10.50
CA GLN A 76 -4.45 18.46 -10.46
C GLN A 76 -3.49 19.44 -11.16
N ASP A 77 -2.20 19.39 -10.80
CA ASP A 77 -1.20 20.29 -11.38
C ASP A 77 -1.26 20.26 -12.90
N ALA A 78 -1.10 19.08 -13.48
CA ALA A 78 -1.21 18.91 -14.94
C ALA A 78 -2.44 19.61 -15.56
N VAL A 79 -3.61 19.41 -14.95
CA VAL A 79 -4.85 20.02 -15.46
C VAL A 79 -4.89 21.53 -15.23
N LEU A 80 -4.53 21.99 -14.04
CA LEU A 80 -4.48 23.43 -13.86
C LEU A 80 -3.39 24.06 -14.71
N ASN A 81 -2.25 23.41 -14.82
CA ASN A 81 -1.19 23.92 -15.66
C ASN A 81 -1.61 24.16 -17.10
N GLU A 82 -2.27 23.16 -17.69
CA GLU A 82 -2.63 23.18 -19.10
C GLU A 82 -3.70 24.23 -19.27
N TYR A 83 -4.62 24.23 -18.33
CA TYR A 83 -5.65 25.25 -18.29
C TYR A 83 -5.07 26.66 -18.38
N HIS A 84 -4.24 27.03 -17.41
CA HIS A 84 -3.58 28.32 -17.40
C HIS A 84 -2.71 28.53 -18.59
N ARG A 85 -2.07 27.46 -19.06
CA ARG A 85 -1.24 27.53 -20.27
C ARG A 85 -2.05 27.83 -21.53
N LEU A 86 -3.30 27.34 -21.57
CA LEU A 86 -4.21 27.74 -22.63
C LEU A 86 -4.60 29.21 -22.46
N GLY A 87 -4.77 29.64 -21.21
CA GLY A 87 -4.93 31.06 -20.88
C GLY A 87 -3.88 31.93 -21.55
N ASP A 88 -2.60 31.66 -21.28
CA ASP A 88 -1.55 32.56 -21.74
C ASP A 88 -0.80 32.18 -23.04
N THR A 89 -1.26 31.17 -23.77
CA THR A 89 -0.83 31.01 -25.15
C THR A 89 -1.80 31.79 -26.01
N GLU A 90 -3.05 31.82 -25.55
CA GLU A 90 -4.11 32.59 -26.20
C GLU A 90 -3.88 34.08 -26.00
N ALA A 91 -3.52 34.47 -24.78
CA ALA A 91 -3.18 35.87 -24.49
C ALA A 91 -2.09 36.38 -25.43
N LEU A 92 -0.96 35.66 -25.52
CA LEU A 92 0.16 36.06 -26.37
C LEU A 92 -0.16 36.08 -27.88
N GLU A 93 -1.04 35.18 -28.32
CA GLU A 93 -1.57 35.18 -29.68
C GLU A 93 -2.22 36.52 -30.02
N PHE A 94 -2.88 37.13 -29.04
CA PHE A 94 -3.69 38.35 -29.21
C PHE A 94 -2.99 39.50 -29.97
N GLU A 95 -1.64 39.47 -30.00
CA GLU A 95 -0.85 40.30 -30.92
C GLU A 95 0.10 39.44 -31.73
N ASN B 2 6.93 3.24 -20.50
CA ASN B 2 5.88 3.30 -19.44
C ASN B 2 4.47 3.20 -20.03
N ALA B 3 3.83 2.06 -19.80
CA ALA B 3 2.49 1.82 -20.27
C ALA B 3 1.61 1.62 -19.05
N MSE B 4 0.47 0.99 -19.30
CA MSE B 4 -0.49 0.58 -18.28
C MSE B 4 0.03 -0.52 -17.45
O MSE B 4 0.53 -1.52 -17.97
CB MSE B 4 -1.72 0.02 -18.96
CG MSE B 4 -2.97 0.63 -18.48
SE MSE B 4 -2.46 2.47 -18.35
CE MSE B 4 -2.03 2.45 -16.44
N GLU B 5 -0.10 -0.39 -16.14
CA GLU B 5 0.03 -1.54 -15.29
C GLU B 5 -1.21 -1.60 -14.42
N VAL B 6 -2.06 -2.57 -14.76
CA VAL B 6 -3.15 -2.89 -13.86
C VAL B 6 -2.49 -3.79 -12.82
N THR B 7 -2.25 -3.19 -11.64
CA THR B 7 -1.49 -3.82 -10.57
C THR B 7 -2.35 -4.72 -9.70
N ASP B 8 -3.64 -4.41 -9.61
CA ASP B 8 -4.51 -5.18 -8.75
C ASP B 8 -5.97 -5.15 -9.22
N VAL B 9 -6.68 -6.25 -9.05
CA VAL B 9 -8.10 -6.30 -9.36
C VAL B 9 -8.88 -6.79 -8.15
N ARG B 10 -9.78 -5.94 -7.67
CA ARG B 10 -10.60 -6.29 -6.54
C ARG B 10 -12.01 -6.51 -7.03
N LEU B 11 -12.65 -7.56 -6.52
CA LEU B 11 -13.88 -8.11 -7.13
C LEU B 11 -15.11 -8.24 -6.21
N ARG B 12 -15.91 -7.19 -6.16
CA ARG B 12 -17.06 -7.12 -5.27
C ARG B 12 -18.28 -7.72 -5.96
N ARG B 13 -19.35 -7.94 -5.17
CA ARG B 13 -20.72 -8.26 -5.67
C ARG B 13 -20.85 -9.44 -6.65
N VAL B 14 -19.93 -10.39 -6.56
CA VAL B 14 -19.79 -11.43 -7.57
C VAL B 14 -20.95 -12.44 -7.59
N ASN B 15 -21.50 -12.69 -8.79
CA ASN B 15 -22.48 -13.76 -9.11
C ASN B 15 -23.82 -13.79 -8.36
N THR B 16 -24.65 -12.78 -8.62
CA THR B 16 -26.04 -12.77 -8.16
C THR B 16 -27.06 -12.72 -9.32
N ASP B 17 -26.98 -11.68 -10.15
CA ASP B 17 -27.67 -11.65 -11.43
C ASP B 17 -26.93 -12.60 -12.37
N GLY B 18 -27.64 -13.15 -13.35
CA GLY B 18 -27.05 -14.11 -14.29
C GLY B 18 -26.23 -13.44 -15.36
N ARG B 19 -26.62 -12.23 -15.76
CA ARG B 19 -25.92 -11.50 -16.84
C ARG B 19 -24.91 -10.54 -16.28
N MSE B 20 -25.33 -9.84 -15.24
CA MSE B 20 -24.44 -8.91 -14.59
C MSE B 20 -23.60 -9.70 -13.58
O MSE B 20 -24.02 -9.93 -12.46
CB MSE B 20 -25.21 -7.75 -13.97
CG MSE B 20 -24.41 -6.47 -13.91
SE MSE B 20 -22.90 -6.60 -12.63
CE MSE B 20 -23.88 -6.48 -10.91
N ARG B 21 -22.42 -10.13 -13.97
CA ARG B 21 -21.73 -11.13 -13.17
C ARG B 21 -20.87 -10.65 -11.99
N ALA B 22 -20.06 -9.63 -12.15
CA ALA B 22 -19.30 -9.11 -11.01
C ALA B 22 -19.18 -7.59 -11.07
N ILE B 23 -18.77 -7.00 -9.97
CA ILE B 23 -18.45 -5.57 -9.94
C ILE B 23 -16.98 -5.41 -9.56
N ALA B 24 -16.25 -4.64 -10.34
CA ALA B 24 -14.80 -4.67 -10.22
C ALA B 24 -14.21 -3.30 -9.97
N SER B 25 -13.15 -3.27 -9.16
CA SER B 25 -12.26 -2.11 -9.05
C SER B 25 -10.86 -2.52 -9.41
N ILE B 26 -10.34 -1.95 -10.49
CA ILE B 26 -8.93 -2.15 -10.83
C ILE B 26 -8.11 -0.99 -10.32
N THR B 27 -6.87 -1.31 -9.97
CA THR B 27 -5.88 -0.32 -9.63
C THR B 27 -4.82 -0.21 -10.71
N LEU B 28 -4.62 1.02 -11.17
CA LEU B 28 -3.59 1.27 -12.14
C LEU B 28 -2.40 1.85 -11.41
N ASP B 29 -1.23 1.26 -11.70
CA ASP B 29 0.08 1.76 -11.23
C ASP B 29 0.15 2.04 -9.74
N HIS B 30 -0.47 1.18 -8.94
CA HIS B 30 -0.33 1.27 -7.48
C HIS B 30 -0.93 2.51 -6.87
N GLU B 31 -1.44 3.43 -7.70
CA GLU B 31 -1.85 4.74 -7.19
C GLU B 31 -3.25 5.23 -7.62
N PHE B 32 -3.72 4.76 -8.77
CA PHE B 32 -4.94 5.25 -9.39
C PHE B 32 -6.01 4.16 -9.50
N VAL B 33 -7.12 4.32 -8.81
CA VAL B 33 -8.16 3.27 -8.79
C VAL B 33 -9.35 3.64 -9.67
N VAL B 34 -9.91 2.66 -10.38
CA VAL B 34 -11.08 2.85 -11.24
C VAL B 34 -12.20 1.91 -10.79
N HIS B 35 -13.30 2.49 -10.33
CA HIS B 35 -14.45 1.73 -9.79
C HIS B 35 -15.50 1.47 -10.86
N ASP B 36 -16.55 0.72 -10.48
CA ASP B 36 -17.73 0.49 -11.33
C ASP B 36 -17.39 -0.03 -12.70
N ILE B 37 -16.36 -0.86 -12.75
CA ILE B 37 -16.14 -1.68 -13.91
C ILE B 37 -17.01 -2.91 -13.69
N ARG B 38 -17.77 -3.38 -14.68
CA ARG B 38 -18.41 -4.66 -14.43
C ARG B 38 -18.22 -5.81 -15.42
N VAL B 39 -18.24 -7.03 -14.88
CA VAL B 39 -18.10 -8.24 -15.66
C VAL B 39 -19.49 -8.63 -16.09
N ILE B 40 -19.73 -8.63 -17.40
CA ILE B 40 -21.02 -9.03 -17.95
C ILE B 40 -20.82 -10.22 -18.90
N ASP B 41 -21.83 -11.08 -18.97
CA ASP B 41 -21.85 -12.20 -19.89
C ASP B 41 -22.73 -11.88 -21.10
N GLY B 42 -22.11 -11.67 -22.27
CA GLY B 42 -22.87 -11.33 -23.47
C GLY B 42 -22.93 -12.45 -24.50
N ASN B 43 -23.26 -12.06 -25.74
CA ASN B 43 -23.19 -12.92 -26.94
C ASN B 43 -22.15 -14.03 -26.88
N ASN B 44 -20.86 -13.70 -27.04
CA ASN B 44 -19.82 -14.64 -26.71
C ASN B 44 -19.45 -14.33 -25.29
N GLY B 45 -19.66 -15.29 -24.42
CA GLY B 45 -19.21 -15.20 -23.06
C GLY B 45 -18.95 -13.84 -22.47
N LEU B 46 -17.98 -13.84 -21.58
CA LEU B 46 -17.75 -12.72 -20.71
C LEU B 46 -17.02 -11.60 -21.43
N PHE B 47 -17.20 -10.40 -20.92
CA PHE B 47 -16.41 -9.23 -21.31
C PHE B 47 -16.50 -8.23 -20.16
N VAL B 48 -15.55 -7.31 -20.14
CA VAL B 48 -15.42 -6.34 -19.07
C VAL B 48 -15.93 -4.99 -19.54
N ALA B 49 -16.88 -4.41 -18.82
CA ALA B 49 -17.44 -3.13 -19.22
C ALA B 49 -16.92 -2.00 -18.38
N MSE B 50 -16.45 -0.96 -19.03
CA MSE B 50 -16.02 0.22 -18.33
C MSE B 50 -17.26 1.05 -17.92
O MSE B 50 -18.34 0.91 -18.53
CB MSE B 50 -15.13 1.03 -19.27
CG MSE B 50 -13.93 1.54 -18.58
SE MSE B 50 -12.58 0.15 -18.38
CE MSE B 50 -12.23 0.19 -16.49
N PRO B 51 -17.10 1.90 -16.88
CA PRO B 51 -18.17 2.83 -16.46
C PRO B 51 -18.57 3.81 -17.56
N SER B 52 -19.86 4.08 -17.64
CA SER B 52 -20.47 4.80 -18.75
C SER B 52 -20.72 6.28 -18.46
N LYS B 53 -20.24 7.12 -19.33
CA LYS B 53 -20.59 8.54 -19.31
C LYS B 53 -21.70 8.74 -20.33
N ARG B 54 -22.69 9.54 -19.97
CA ARG B 54 -23.67 9.93 -20.99
C ARG B 54 -23.37 11.31 -21.60
N THR B 55 -23.19 11.36 -22.93
CA THR B 55 -22.81 12.59 -23.62
C THR B 55 -24.03 13.45 -23.86
N PRO B 56 -23.84 14.65 -24.46
CA PRO B 56 -24.97 15.61 -24.55
C PRO B 56 -26.03 15.17 -25.59
N ASP B 57 -25.61 14.59 -26.73
CA ASP B 57 -26.51 13.93 -27.68
C ASP B 57 -27.14 12.60 -27.21
N GLY B 58 -26.84 12.20 -25.98
CA GLY B 58 -27.48 11.03 -25.41
C GLY B 58 -26.80 9.68 -25.59
N GLU B 59 -25.76 9.63 -26.42
CA GLU B 59 -24.98 8.40 -26.58
C GLU B 59 -24.26 8.05 -25.27
N PHE B 60 -23.95 6.77 -25.06
CA PHE B 60 -23.18 6.36 -23.87
C PHE B 60 -21.72 6.12 -24.23
N ARG B 61 -20.82 6.73 -23.47
CA ARG B 61 -19.38 6.51 -23.67
C ARG B 61 -18.68 6.13 -22.38
N ASP B 62 -17.56 5.44 -22.51
CA ASP B 62 -16.78 5.15 -21.32
C ASP B 62 -16.10 6.39 -20.76
N ILE B 63 -16.20 6.57 -19.45
CA ILE B 63 -15.47 7.63 -18.79
C ILE B 63 -14.00 7.30 -18.82
N THR B 64 -13.73 6.01 -18.72
CA THR B 64 -12.40 5.45 -18.66
C THR B 64 -12.09 4.77 -19.99
N HIS B 65 -11.25 5.39 -20.80
CA HIS B 65 -11.03 4.86 -22.15
C HIS B 65 -9.59 4.58 -22.57
N PRO B 66 -9.25 3.29 -22.75
CA PRO B 66 -7.94 2.91 -23.32
C PRO B 66 -7.95 3.20 -24.80
N ILE B 67 -7.07 4.06 -25.30
CA ILE B 67 -7.13 4.37 -26.73
C ILE B 67 -6.85 3.12 -27.60
N ASN B 68 -5.85 2.34 -27.22
CA ASN B 68 -5.47 1.17 -28.00
C ASN B 68 -6.13 -0.09 -27.51
N SER B 69 -6.30 -1.04 -28.43
CA SER B 69 -7.07 -2.22 -28.14
C SER B 69 -6.29 -3.21 -27.32
N SER B 70 -4.98 -3.32 -27.53
CA SER B 70 -4.16 -4.20 -26.69
C SER B 70 -4.26 -3.86 -25.19
N THR B 71 -4.26 -2.56 -24.88
CA THR B 71 -4.51 -2.08 -23.51
C THR B 71 -5.86 -2.56 -23.02
N ARG B 72 -6.85 -2.57 -23.91
CA ARG B 72 -8.16 -3.04 -23.51
C ARG B 72 -8.08 -4.50 -23.21
N GLY B 73 -7.46 -5.26 -24.11
CA GLY B 73 -7.29 -6.70 -23.91
C GLY B 73 -6.69 -7.00 -22.54
N LYS B 74 -5.58 -6.33 -22.25
CA LYS B 74 -4.86 -6.46 -21.00
C LYS B 74 -5.76 -6.25 -19.83
N ILE B 75 -6.49 -5.14 -19.85
CA ILE B 75 -7.41 -4.81 -18.79
C ILE B 75 -8.44 -5.93 -18.69
N GLN B 76 -8.97 -6.35 -19.83
CA GLN B 76 -10.02 -7.35 -19.78
C GLN B 76 -9.50 -8.66 -19.20
N ASP B 77 -8.31 -9.07 -19.64
CA ASP B 77 -7.71 -10.32 -19.15
C ASP B 77 -7.44 -10.24 -17.65
N ALA B 78 -6.88 -9.11 -17.22
CA ALA B 78 -6.57 -8.91 -15.81
C ALA B 78 -7.82 -9.07 -14.96
N VAL B 79 -8.96 -8.61 -15.47
CA VAL B 79 -10.21 -8.65 -14.72
C VAL B 79 -10.76 -10.06 -14.75
N LEU B 80 -10.88 -10.64 -15.94
CA LEU B 80 -11.43 -11.97 -16.12
C LEU B 80 -10.66 -13.14 -15.46
N ASN B 81 -9.35 -12.99 -15.30
CA ASN B 81 -8.54 -14.02 -14.64
C ASN B 81 -8.87 -13.97 -13.18
N GLU B 82 -9.11 -12.78 -12.66
CA GLU B 82 -9.42 -12.68 -11.26
C GLU B 82 -10.79 -13.22 -11.01
N TYR B 83 -11.71 -12.95 -11.92
CA TYR B 83 -13.07 -13.42 -11.73
C TYR B 83 -13.12 -14.95 -11.87
N HIS B 84 -12.34 -15.45 -12.81
CA HIS B 84 -12.31 -16.86 -13.05
C HIS B 84 -11.60 -17.55 -11.92
N ARG B 85 -10.58 -16.89 -11.35
CA ARG B 85 -9.83 -17.49 -10.25
C ARG B 85 -10.66 -17.62 -9.01
N LEU B 86 -11.34 -16.56 -8.63
CA LEU B 86 -12.20 -16.64 -7.45
C LEU B 86 -13.18 -17.81 -7.52
N GLY B 87 -13.87 -17.96 -8.64
CA GLY B 87 -14.94 -18.96 -8.81
C GLY B 87 -14.48 -20.40 -8.72
N ASP B 88 -13.38 -20.68 -9.41
CA ASP B 88 -12.78 -22.01 -9.43
C ASP B 88 -12.06 -22.33 -8.13
N THR B 89 -11.59 -21.31 -7.42
CA THR B 89 -11.08 -21.54 -6.08
C THR B 89 -12.27 -21.83 -5.14
N GLU B 90 -13.34 -21.04 -5.27
CA GLU B 90 -14.59 -21.27 -4.58
C GLU B 90 -15.02 -22.74 -4.67
N ALA B 91 -15.04 -23.30 -5.88
CA ALA B 91 -15.52 -24.67 -6.06
C ALA B 91 -14.58 -25.68 -5.42
N LEU B 92 -13.28 -25.40 -5.52
CA LEU B 92 -12.23 -26.21 -4.92
C LEU B 92 -12.34 -26.32 -3.39
N GLU B 93 -12.85 -25.27 -2.75
CA GLU B 93 -13.25 -25.33 -1.33
C GLU B 93 -14.21 -26.50 -1.07
N PHE B 94 -15.36 -26.54 -1.76
CA PHE B 94 -16.37 -27.59 -1.56
C PHE B 94 -15.83 -29.02 -1.79
N GLU B 95 -15.01 -29.21 -2.82
CA GLU B 95 -14.39 -30.50 -3.04
C GLU B 95 -13.50 -30.97 -1.87
N GLU B 96 -13.08 -30.06 -1.00
CA GLU B 96 -12.14 -30.40 0.08
C GLU B 96 -12.52 -29.77 1.42
N ASN C 2 11.59 -2.35 -6.33
CA ASN C 2 11.84 -3.83 -6.24
C ASN C 2 10.55 -4.66 -6.08
N ALA C 3 10.36 -5.56 -7.05
CA ALA C 3 9.30 -6.56 -7.03
C ALA C 3 10.03 -7.88 -7.22
N MSE C 4 9.52 -8.97 -6.68
CA MSE C 4 10.30 -10.19 -6.84
C MSE C 4 9.91 -10.94 -8.09
O MSE C 4 8.87 -10.67 -8.69
CB MSE C 4 10.25 -11.11 -5.61
CG MSE C 4 9.36 -12.31 -5.75
SE MSE C 4 7.65 -11.54 -5.89
CE MSE C 4 7.60 -10.72 -4.12
N GLU C 5 10.75 -11.87 -8.49
CA GLU C 5 10.48 -12.64 -9.67
C GLU C 5 10.59 -14.12 -9.41
N VAL C 6 9.72 -14.88 -10.05
CA VAL C 6 9.83 -16.33 -10.04
C VAL C 6 11.11 -16.66 -10.76
N THR C 7 12.04 -17.20 -9.99
CA THR C 7 13.36 -17.50 -10.48
C THR C 7 13.42 -18.90 -11.10
N ASP C 8 12.57 -19.80 -10.61
CA ASP C 8 12.63 -21.22 -10.94
C ASP C 8 11.29 -21.90 -10.64
N VAL C 9 10.85 -22.78 -11.54
CA VAL C 9 9.62 -23.50 -11.31
C VAL C 9 9.92 -24.96 -11.55
N ARG C 10 9.97 -25.74 -10.48
CA ARG C 10 10.15 -27.17 -10.60
C ARG C 10 8.78 -27.82 -10.53
N LEU C 11 8.41 -28.58 -11.56
CA LEU C 11 7.03 -29.09 -11.66
C LEU C 11 6.92 -30.58 -12.00
N ARG C 12 5.91 -31.24 -11.44
CA ARG C 12 5.63 -32.65 -11.71
C ARG C 12 4.19 -32.83 -12.15
N ARG C 13 3.95 -33.23 -13.39
CA ARG C 13 2.58 -33.47 -13.86
C ARG C 13 2.06 -34.75 -13.22
N VAL C 14 0.78 -34.75 -12.83
CA VAL C 14 0.23 -35.86 -12.04
C VAL C 14 -1.13 -36.33 -12.61
N ASN C 15 -1.24 -37.64 -12.83
CA ASN C 15 -2.46 -38.25 -13.33
C ASN C 15 -3.36 -38.66 -12.19
N THR C 16 -4.51 -38.01 -12.09
CA THR C 16 -5.47 -38.30 -11.01
C THR C 16 -6.89 -38.33 -11.54
N ASP C 17 -7.73 -39.03 -10.78
CA ASP C 17 -9.15 -38.90 -10.96
C ASP C 17 -9.63 -37.79 -10.04
N GLY C 18 -9.07 -36.60 -10.28
CA GLY C 18 -9.47 -35.36 -9.61
C GLY C 18 -9.22 -34.18 -10.53
N ARG C 19 -9.44 -32.98 -10.01
CA ARG C 19 -9.13 -31.76 -10.78
C ARG C 19 -7.61 -31.45 -10.76
N MSE C 20 -6.90 -32.12 -9.86
CA MSE C 20 -5.48 -31.88 -9.65
C MSE C 20 -4.70 -32.48 -10.80
O MSE C 20 -5.01 -33.57 -11.26
CB MSE C 20 -5.06 -32.48 -8.31
CG MSE C 20 -4.14 -31.62 -7.46
SE MSE C 20 -2.34 -32.36 -7.42
CE MSE C 20 -2.00 -32.38 -5.49
N ARG C 21 -3.69 -31.75 -11.26
CA ARG C 21 -3.04 -32.05 -12.53
C ARG C 21 -1.52 -32.01 -12.41
N ALA C 22 -1.02 -31.09 -11.61
CA ALA C 22 0.41 -31.00 -11.40
C ALA C 22 0.72 -30.49 -9.99
N ILE C 23 1.95 -30.74 -9.54
CA ILE C 23 2.47 -30.20 -8.30
C ILE C 23 3.79 -29.54 -8.62
N ALA C 24 3.92 -28.29 -8.22
CA ALA C 24 5.13 -27.53 -8.49
C ALA C 24 5.74 -27.00 -7.21
N SER C 25 6.96 -26.52 -7.33
CA SER C 25 7.55 -25.66 -6.34
C SER C 25 7.92 -24.41 -7.15
N ILE C 26 8.29 -23.33 -6.49
CA ILE C 26 8.80 -22.15 -7.20
C ILE C 26 9.86 -21.51 -6.35
N THR C 27 10.63 -20.63 -6.96
CA THR C 27 11.69 -19.95 -6.21
C THR C 27 11.61 -18.48 -6.49
N LEU C 28 11.66 -17.67 -5.44
CA LEU C 28 11.66 -16.26 -5.62
C LEU C 28 13.09 -15.78 -5.43
N ASP C 29 13.50 -14.89 -6.34
CA ASP C 29 14.77 -14.18 -6.27
C ASP C 29 15.91 -15.10 -5.92
N HIS C 30 15.88 -16.32 -6.45
CA HIS C 30 16.96 -17.29 -6.29
C HIS C 30 17.20 -17.66 -4.86
N GLU C 31 16.26 -17.32 -3.98
CA GLU C 31 16.62 -17.40 -2.57
C GLU C 31 15.50 -17.94 -1.69
N PHE C 32 14.26 -17.79 -2.12
CA PHE C 32 13.17 -18.24 -1.26
C PHE C 32 12.28 -19.24 -1.95
N VAL C 33 12.03 -20.35 -1.29
CA VAL C 33 11.42 -21.51 -1.94
C VAL C 33 10.01 -21.69 -1.39
N VAL C 34 9.07 -21.97 -2.30
CA VAL C 34 7.67 -22.22 -1.96
C VAL C 34 7.15 -23.55 -2.55
N HIS C 35 6.75 -24.45 -1.66
CA HIS C 35 6.27 -25.79 -2.01
C HIS C 35 4.77 -25.86 -2.01
N ASP C 36 4.26 -27.00 -2.45
CA ASP C 36 2.84 -27.26 -2.37
C ASP C 36 2.08 -26.28 -3.23
N ILE C 37 2.46 -26.20 -4.50
CA ILE C 37 1.75 -25.39 -5.46
C ILE C 37 1.15 -26.29 -6.54
N ARG C 38 -0.18 -26.36 -6.56
CA ARG C 38 -0.91 -27.25 -7.42
C ARG C 38 -1.39 -26.52 -8.65
N VAL C 39 -1.21 -27.15 -9.81
CA VAL C 39 -1.94 -26.78 -11.02
C VAL C 39 -3.25 -27.56 -11.01
N ILE C 40 -4.37 -26.85 -11.15
CA ILE C 40 -5.70 -27.41 -11.01
C ILE C 40 -6.53 -27.10 -12.25
N ASP C 41 -7.21 -28.14 -12.74
CA ASP C 41 -8.10 -28.03 -13.89
C ASP C 41 -9.49 -27.58 -13.44
N GLY C 42 -9.86 -26.37 -13.83
CA GLY C 42 -11.07 -25.74 -13.31
C GLY C 42 -12.16 -25.50 -14.33
N ASN C 43 -13.37 -25.23 -13.85
CA ASN C 43 -14.51 -25.07 -14.75
C ASN C 43 -14.30 -24.05 -15.87
N ASN C 44 -13.26 -23.24 -15.76
CA ASN C 44 -12.92 -22.25 -16.78
C ASN C 44 -11.44 -22.31 -17.12
N GLY C 45 -10.89 -23.52 -17.09
CA GLY C 45 -9.50 -23.76 -17.47
C GLY C 45 -8.56 -23.99 -16.30
N LEU C 46 -7.30 -24.22 -16.63
CA LEU C 46 -6.25 -24.49 -15.66
C LEU C 46 -5.97 -23.28 -14.79
N PHE C 47 -5.64 -23.53 -13.53
CA PHE C 47 -5.22 -22.47 -12.60
C PHE C 47 -4.28 -22.96 -11.48
N VAL C 48 -3.53 -22.05 -10.87
CA VAL C 48 -2.51 -22.40 -9.90
C VAL C 48 -3.04 -22.11 -8.52
N ALA C 49 -2.95 -23.10 -7.63
CA ALA C 49 -3.41 -22.97 -6.25
C ALA C 49 -2.22 -22.89 -5.30
N MSE C 50 -2.15 -21.77 -4.57
CA MSE C 50 -1.18 -21.54 -3.50
C MSE C 50 -1.45 -22.45 -2.33
O MSE C 50 -2.59 -22.85 -2.10
CB MSE C 50 -1.24 -20.09 -3.02
CG MSE C 50 -0.86 -19.07 -4.06
SE MSE C 50 0.92 -19.39 -4.83
CE MSE C 50 0.45 -20.45 -6.39
N PRO C 51 -0.41 -22.81 -1.57
CA PRO C 51 -0.65 -23.72 -0.46
C PRO C 51 -1.58 -23.12 0.57
N SER C 52 -2.47 -23.94 1.08
CA SER C 52 -3.49 -23.48 2.00
C SER C 52 -3.53 -24.35 3.24
N LYS C 53 -4.32 -23.91 4.22
CA LYS C 53 -4.47 -24.65 5.47
C LYS C 53 -5.93 -24.86 5.84
N ARG C 54 -6.20 -26.09 6.29
CA ARG C 54 -7.47 -26.44 6.92
C ARG C 54 -7.18 -27.17 8.24
N ASP C 57 -11.17 -26.98 10.51
CA ASP C 57 -12.45 -26.57 11.11
C ASP C 57 -13.04 -25.37 10.37
N GLY C 58 -13.59 -25.66 9.18
CA GLY C 58 -14.13 -24.64 8.26
C GLY C 58 -13.05 -23.98 7.41
N GLU C 59 -12.29 -23.09 8.06
CA GLU C 59 -11.30 -22.19 7.43
C GLU C 59 -10.49 -22.76 6.23
N PHE C 60 -10.39 -21.93 5.19
CA PHE C 60 -9.50 -22.12 4.05
C PHE C 60 -8.81 -20.80 3.71
N ARG C 61 -7.76 -20.47 4.45
CA ARG C 61 -6.87 -19.40 4.03
C ARG C 61 -5.49 -19.90 3.58
N ASP C 62 -4.95 -19.16 2.61
CA ASP C 62 -3.62 -19.37 2.07
C ASP C 62 -2.56 -19.14 3.13
N ILE C 63 -1.47 -19.86 2.97
CA ILE C 63 -0.33 -19.75 3.84
C ILE C 63 0.66 -18.80 3.16
N THR C 64 0.52 -18.69 1.85
CA THR C 64 1.40 -17.90 1.04
C THR C 64 0.54 -17.04 0.13
N HIS C 65 0.51 -15.74 0.37
CA HIS C 65 -0.47 -14.85 -0.24
C HIS C 65 0.12 -13.62 -0.94
N PRO C 66 -0.02 -13.50 -2.30
CA PRO C 66 0.39 -12.31 -3.03
C PRO C 66 -0.44 -11.10 -2.67
N ILE C 67 0.23 -10.02 -2.34
CA ILE C 67 -0.45 -8.84 -1.85
C ILE C 67 -1.48 -8.36 -2.88
N ASN C 68 -1.27 -8.69 -4.16
CA ASN C 68 -2.11 -8.16 -5.21
C ASN C 68 -2.20 -9.03 -6.47
N SER C 69 -3.25 -8.85 -7.25
CA SER C 69 -3.52 -9.66 -8.43
C SER C 69 -2.37 -9.74 -9.47
N SER C 70 -1.64 -8.64 -9.67
CA SER C 70 -0.60 -8.67 -10.70
C SER C 70 0.55 -9.54 -10.27
N THR C 71 0.93 -9.44 -9.01
CA THR C 71 1.97 -10.32 -8.49
C THR C 71 1.49 -11.78 -8.51
N ARG C 72 0.24 -12.02 -8.16
CA ARG C 72 -0.36 -13.34 -8.35
C ARG C 72 -0.33 -13.78 -9.82
N GLY C 73 -0.66 -12.82 -10.70
CA GLY C 73 -0.68 -13.01 -12.14
C GLY C 73 0.60 -13.64 -12.63
N LYS C 74 1.73 -13.19 -12.11
CA LYS C 74 3.04 -13.62 -12.61
C LYS C 74 3.59 -14.90 -11.98
N ILE C 75 3.05 -15.29 -10.85
CA ILE C 75 3.38 -16.60 -10.31
C ILE C 75 2.59 -17.61 -11.15
N GLN C 76 1.27 -17.42 -11.19
CA GLN C 76 0.37 -18.20 -12.00
C GLN C 76 0.92 -18.44 -13.41
N ASP C 77 1.52 -17.42 -14.02
CA ASP C 77 2.04 -17.53 -15.39
C ASP C 77 3.30 -18.36 -15.44
N ALA C 78 4.26 -18.03 -14.58
CA ALA C 78 5.48 -18.80 -14.52
C ALA C 78 5.20 -20.28 -14.38
N VAL C 79 4.18 -20.62 -13.59
CA VAL C 79 3.88 -22.02 -13.30
C VAL C 79 3.25 -22.63 -14.53
N LEU C 80 2.11 -22.08 -14.95
CA LEU C 80 1.39 -22.55 -16.11
C LEU C 80 2.28 -22.68 -17.32
N ASN C 81 3.23 -21.76 -17.49
CA ASN C 81 4.22 -21.90 -18.55
C ASN C 81 5.05 -23.16 -18.46
N GLU C 82 5.80 -23.33 -17.37
CA GLU C 82 6.52 -24.58 -17.12
C GLU C 82 5.60 -25.81 -17.27
N TYR C 83 4.38 -25.72 -16.77
CA TYR C 83 3.45 -26.82 -16.92
C TYR C 83 3.35 -27.30 -18.35
N HIS C 84 2.90 -26.39 -19.22
CA HIS C 84 2.76 -26.63 -20.66
C HIS C 84 4.11 -26.99 -21.31
N ARG C 85 5.15 -26.24 -20.98
CA ARG C 85 6.49 -26.56 -21.47
C ARG C 85 6.79 -28.04 -21.23
N LEU C 86 6.43 -28.54 -20.04
CA LEU C 86 6.75 -29.92 -19.68
C LEU C 86 5.98 -30.88 -20.58
N GLY C 87 4.66 -30.66 -20.64
CA GLY C 87 3.74 -31.46 -21.48
C GLY C 87 3.84 -31.29 -22.98
N ASP C 88 4.83 -30.52 -23.45
CA ASP C 88 5.17 -30.48 -24.88
C ASP C 88 6.48 -31.27 -25.13
N THR C 89 6.57 -32.44 -24.48
CA THR C 89 7.70 -33.34 -24.53
C THR C 89 7.16 -34.77 -24.43
N ASN D 2 18.83 -9.85 -8.66
CA ASN D 2 18.28 -9.49 -7.31
C ASN D 2 18.37 -10.63 -6.29
N ALA D 3 18.23 -10.23 -5.01
CA ALA D 3 18.09 -11.12 -3.86
C ALA D 3 16.90 -10.49 -3.17
N MSE D 4 15.98 -11.25 -2.61
CA MSE D 4 14.82 -10.58 -2.03
C MSE D 4 15.11 -9.98 -0.66
O MSE D 4 16.17 -10.20 -0.09
CB MSE D 4 13.53 -11.41 -2.07
CG MSE D 4 13.62 -12.79 -1.55
SE MSE D 4 14.92 -12.82 -0.15
CE MSE D 4 14.73 -14.68 0.46
N GLU D 5 14.16 -9.21 -0.14
CA GLU D 5 14.30 -8.61 1.17
C GLU D 5 13.01 -8.63 1.94
N VAL D 6 13.12 -8.62 3.25
CA VAL D 6 11.97 -8.70 4.10
C VAL D 6 11.53 -7.28 4.31
N THR D 7 10.53 -6.91 3.52
CA THR D 7 9.93 -5.59 3.45
C THR D 7 9.19 -5.19 4.74
N ASP D 8 8.37 -6.10 5.26
CA ASP D 8 7.62 -5.87 6.48
C ASP D 8 7.59 -7.14 7.34
N VAL D 9 7.32 -6.98 8.64
CA VAL D 9 7.14 -8.11 9.53
C VAL D 9 5.97 -7.76 10.45
N ARG D 10 4.92 -8.57 10.46
CA ARG D 10 3.77 -8.29 11.35
C ARG D 10 3.56 -9.41 12.33
N LEU D 11 3.30 -9.05 13.58
CA LEU D 11 3.27 -10.02 14.66
C LEU D 11 1.89 -10.17 15.31
N ARG D 12 1.65 -11.34 15.91
CA ARG D 12 0.43 -11.60 16.69
C ARG D 12 0.63 -12.76 17.67
N ARG D 13 -0.30 -12.90 18.61
CA ARG D 13 -0.13 -13.80 19.74
C ARG D 13 1.27 -13.66 20.37
N VAL D 14 1.69 -12.42 20.53
CA VAL D 14 3.00 -12.09 21.09
C VAL D 14 3.05 -12.39 22.58
N ASN D 15 4.01 -13.23 23.00
CA ASN D 15 4.26 -13.54 24.40
C ASN D 15 3.12 -14.23 25.11
N THR D 16 2.34 -14.98 24.36
CA THR D 16 1.16 -15.65 24.89
C THR D 16 1.52 -17.04 25.44
N ASP D 17 2.73 -17.46 25.10
CA ASP D 17 3.25 -18.75 25.46
C ASP D 17 4.76 -18.64 25.64
N GLY D 18 5.27 -19.39 26.61
CA GLY D 18 6.70 -19.33 26.94
C GLY D 18 7.68 -19.92 25.94
N ARG D 19 7.19 -20.74 25.02
CA ARG D 19 8.00 -21.36 24.02
C ARG D 19 7.59 -20.85 22.65
N MSE D 20 6.28 -20.85 22.42
CA MSE D 20 5.67 -20.35 21.21
C MSE D 20 5.37 -18.86 21.41
O MSE D 20 4.32 -18.50 21.90
CB MSE D 20 4.39 -21.14 20.95
CG MSE D 20 4.02 -21.34 19.51
SE MSE D 20 3.71 -19.63 18.56
CE MSE D 20 5.51 -19.33 17.86
N ARG D 21 6.31 -18.01 20.99
CA ARG D 21 6.37 -16.60 21.40
C ARG D 21 5.58 -15.61 20.56
N ALA D 22 5.38 -15.92 19.28
CA ALA D 22 4.61 -15.04 18.40
C ALA D 22 4.34 -15.70 17.06
N ILE D 23 3.21 -15.35 16.46
CA ILE D 23 2.99 -15.72 15.09
C ILE D 23 3.34 -14.52 14.22
N ALA D 24 4.06 -14.80 13.13
CA ALA D 24 4.65 -13.79 12.28
C ALA D 24 4.11 -13.88 10.88
N SER D 25 4.03 -12.76 10.20
CA SER D 25 3.85 -12.73 8.74
C SER D 25 4.95 -11.89 8.20
N ILE D 26 5.61 -12.34 7.16
CA ILE D 26 6.62 -11.47 6.57
C ILE D 26 6.16 -11.12 5.17
N THR D 27 6.72 -10.05 4.61
CA THR D 27 6.43 -9.68 3.23
C THR D 27 7.74 -9.55 2.51
N LEU D 28 7.82 -10.22 1.39
CA LEU D 28 9.03 -10.25 0.65
C LEU D 28 8.77 -9.35 -0.51
N ASP D 29 9.75 -8.50 -0.80
CA ASP D 29 9.74 -7.55 -1.91
C ASP D 29 8.43 -6.81 -2.11
N HIS D 30 7.87 -6.29 -1.02
CA HIS D 30 6.60 -5.58 -1.05
C HIS D 30 5.38 -6.35 -1.58
N GLU D 31 5.59 -7.53 -2.16
CA GLU D 31 4.56 -8.06 -3.01
C GLU D 31 4.03 -9.40 -2.58
N PHE D 32 4.83 -10.09 -1.79
CA PHE D 32 4.52 -11.48 -1.51
C PHE D 32 4.62 -11.80 -0.02
N VAL D 33 3.54 -12.33 0.53
CA VAL D 33 3.39 -12.51 1.98
C VAL D 33 3.45 -14.00 2.37
N VAL D 34 4.13 -14.30 3.47
CA VAL D 34 4.15 -15.65 4.03
C VAL D 34 3.57 -15.62 5.45
N HIS D 35 2.62 -16.50 5.75
CA HIS D 35 2.01 -16.56 7.08
C HIS D 35 2.54 -17.70 7.93
N ASP D 36 1.81 -18.06 8.98
CA ASP D 36 2.22 -19.09 9.95
C ASP D 36 3.71 -19.28 10.28
N ILE D 37 4.49 -18.23 10.11
CA ILE D 37 5.85 -18.24 10.66
C ILE D 37 5.82 -18.09 12.20
N ARG D 38 6.73 -18.78 12.88
CA ARG D 38 6.68 -18.84 14.33
C ARG D 38 7.99 -18.43 14.94
N VAL D 39 7.92 -17.61 15.98
CA VAL D 39 9.09 -17.32 16.77
C VAL D 39 9.03 -18.32 17.91
N ILE D 40 10.02 -19.19 17.93
CA ILE D 40 10.10 -20.18 18.98
C ILE D 40 11.38 -19.91 19.72
N ASP D 41 11.28 -19.96 21.04
CA ASP D 41 12.43 -20.01 21.93
C ASP D 41 12.85 -21.46 22.11
N GLY D 42 13.80 -21.88 21.30
CA GLY D 42 14.38 -23.18 21.43
C GLY D 42 15.24 -23.35 22.66
N ASN D 43 16.05 -24.39 22.64
CA ASN D 43 16.97 -24.68 23.71
C ASN D 43 18.27 -23.89 23.52
N ASN D 44 18.33 -23.06 22.48
CA ASN D 44 19.53 -22.22 22.22
C ASN D 44 19.16 -20.77 21.96
N GLY D 45 18.11 -20.29 22.61
CA GLY D 45 17.59 -18.98 22.24
C GLY D 45 16.60 -19.09 21.10
N LEU D 46 16.06 -17.95 20.72
CA LEU D 46 14.96 -17.82 19.79
C LEU D 46 15.43 -18.07 18.38
N PHE D 47 14.61 -18.74 17.60
CA PHE D 47 14.89 -18.93 16.19
C PHE D 47 13.53 -18.77 15.52
N VAL D 48 13.52 -18.65 14.20
CA VAL D 48 12.29 -18.50 13.42
C VAL D 48 11.87 -19.81 12.71
N ALA D 49 10.62 -20.20 12.87
CA ALA D 49 10.15 -21.39 12.20
C ALA D 49 9.22 -21.12 10.97
N MSE D 50 9.64 -21.58 9.80
CA MSE D 50 8.78 -21.62 8.61
C MSE D 50 7.54 -22.50 8.83
O MSE D 50 7.60 -23.48 9.56
CB MSE D 50 9.56 -22.19 7.44
CG MSE D 50 10.71 -21.34 7.04
SE MSE D 50 10.13 -19.59 6.49
CE MSE D 50 11.62 -19.26 5.34
N PRO D 51 6.42 -22.15 8.17
CA PRO D 51 5.23 -23.00 8.30
C PRO D 51 5.50 -24.39 7.73
N SER D 52 4.86 -25.43 8.27
CA SER D 52 5.11 -26.81 7.81
C SER D 52 3.85 -27.65 7.58
N LYS D 53 3.98 -28.74 6.84
CA LYS D 53 2.82 -29.54 6.43
C LYS D 53 3.16 -31.00 6.42
N ARG D 54 2.12 -31.82 6.40
CA ARG D 54 2.28 -33.27 6.48
C ARG D 54 2.49 -33.91 5.11
N THR D 55 3.60 -34.63 5.01
CA THR D 55 3.91 -35.48 3.88
C THR D 55 3.04 -36.75 3.95
N PRO D 56 2.55 -37.24 2.77
CA PRO D 56 1.93 -38.56 2.58
C PRO D 56 2.39 -39.64 3.56
N ASP D 57 3.71 -39.77 3.70
CA ASP D 57 4.33 -40.81 4.50
C ASP D 57 4.08 -40.62 6.00
N GLY D 58 3.98 -39.37 6.45
CA GLY D 58 3.67 -39.04 7.85
C GLY D 58 4.56 -37.99 8.52
N GLU D 59 5.72 -37.71 7.92
CA GLU D 59 6.69 -36.76 8.50
C GLU D 59 6.58 -35.33 7.91
N PHE D 60 7.14 -34.35 8.63
CA PHE D 60 6.89 -32.93 8.30
C PHE D 60 7.99 -32.30 7.49
N ARG D 61 7.58 -31.38 6.60
CA ARG D 61 8.49 -30.60 5.75
C ARG D 61 8.07 -29.12 5.68
N ASP D 62 9.03 -28.23 5.61
CA ASP D 62 8.69 -26.83 5.50
C ASP D 62 8.00 -26.57 4.17
N ILE D 63 6.85 -25.88 4.21
CA ILE D 63 6.15 -25.46 2.98
C ILE D 63 6.87 -24.32 2.24
N THR D 64 7.63 -23.54 2.99
CA THR D 64 8.21 -22.32 2.50
C THR D 64 9.58 -22.22 3.16
N HIS D 65 10.63 -21.87 2.42
CA HIS D 65 11.94 -21.81 3.10
C HIS D 65 13.03 -21.15 2.30
N PRO D 66 14.02 -20.57 3.01
CA PRO D 66 15.17 -19.93 2.36
C PRO D 66 16.02 -20.96 1.64
N ILE D 67 16.69 -20.54 0.61
CA ILE D 67 17.48 -21.46 -0.20
C ILE D 67 18.78 -21.81 0.50
N ASN D 68 19.22 -20.92 1.39
CA ASN D 68 20.49 -21.07 2.07
C ASN D 68 20.52 -20.36 3.42
N SER D 69 21.63 -20.52 4.13
CA SER D 69 21.77 -19.98 5.48
C SER D 69 21.83 -18.47 5.49
N SER D 70 22.45 -17.87 4.49
CA SER D 70 22.55 -16.42 4.54
C SER D 70 21.15 -15.80 4.50
N THR D 71 20.26 -16.32 3.64
CA THR D 71 18.93 -15.71 3.53
C THR D 71 18.04 -16.10 4.70
N ARG D 72 18.35 -17.25 5.33
CA ARG D 72 17.68 -17.64 6.58
C ARG D 72 17.95 -16.61 7.65
N GLY D 73 19.18 -16.09 7.66
CA GLY D 73 19.58 -15.06 8.61
C GLY D 73 18.90 -13.74 8.34
N LYS D 74 18.74 -13.40 7.06
CA LYS D 74 18.06 -12.19 6.67
C LYS D 74 16.68 -12.27 7.24
N ILE D 75 16.05 -13.44 7.09
CA ILE D 75 14.65 -13.64 7.49
C ILE D 75 14.49 -13.61 9.00
N GLN D 76 15.44 -14.27 9.66
CA GLN D 76 15.46 -14.33 11.09
C GLN D 76 15.65 -12.94 11.65
N ASP D 77 16.67 -12.23 11.19
CA ASP D 77 16.96 -10.91 11.70
C ASP D 77 15.76 -10.00 11.59
N ALA D 78 15.16 -9.92 10.42
CA ALA D 78 13.92 -9.17 10.25
C ALA D 78 12.92 -9.47 11.37
N VAL D 79 12.62 -10.75 11.59
CA VAL D 79 11.54 -11.18 12.48
C VAL D 79 11.89 -11.04 13.97
N LEU D 80 13.09 -11.44 14.35
CA LEU D 80 13.51 -11.44 15.71
C LEU D 80 13.72 -10.02 16.20
N ASN D 81 14.15 -9.14 15.33
CA ASN D 81 14.22 -7.72 15.68
C ASN D 81 12.86 -7.11 16.00
N GLU D 82 11.88 -7.45 15.18
CA GLU D 82 10.55 -6.95 15.39
C GLU D 82 10.00 -7.55 16.65
N TYR D 83 10.36 -8.83 16.89
CA TYR D 83 9.92 -9.52 18.09
C TYR D 83 10.57 -8.96 19.36
N HIS D 84 11.87 -8.68 19.31
CA HIS D 84 12.50 -8.05 20.46
C HIS D 84 11.81 -6.72 20.76
N ARG D 85 11.58 -5.90 19.74
CA ARG D 85 10.85 -4.66 19.94
C ARG D 85 9.44 -4.84 20.54
N LEU D 86 8.62 -5.71 19.98
CA LEU D 86 7.21 -5.83 20.39
C LEU D 86 6.95 -6.65 21.69
N GLY D 87 7.70 -7.74 21.85
CA GLY D 87 7.70 -8.53 23.08
C GLY D 87 8.20 -7.69 24.24
N ASP D 88 9.39 -7.11 24.12
CA ASP D 88 9.92 -6.30 25.20
C ASP D 88 8.96 -5.15 25.57
N THR D 89 8.17 -4.69 24.59
CA THR D 89 7.15 -3.67 24.84
C THR D 89 5.92 -4.26 25.56
N GLU D 90 5.35 -5.36 25.05
CA GLU D 90 4.27 -5.97 25.78
C GLU D 90 4.69 -6.39 27.18
N ALA D 91 5.93 -6.80 27.34
CA ALA D 91 6.41 -7.22 28.64
C ALA D 91 6.47 -6.06 29.64
N LEU D 92 6.79 -4.87 29.15
CA LEU D 92 6.86 -3.69 30.03
C LEU D 92 5.45 -3.22 30.38
N GLU D 93 4.53 -3.32 29.42
CA GLU D 93 3.11 -3.10 29.66
C GLU D 93 2.62 -4.05 30.76
N PHE D 94 3.10 -5.29 30.68
CA PHE D 94 2.83 -6.33 31.67
C PHE D 94 3.46 -5.97 33.03
N GLU D 95 4.75 -5.67 33.05
CA GLU D 95 5.42 -5.10 34.22
C GLU D 95 4.56 -4.05 34.92
N GLU D 96 3.97 -3.15 34.14
CA GLU D 96 3.19 -2.06 34.72
C GLU D 96 1.79 -2.48 35.17
N ALA D 97 1.03 -3.13 34.30
CA ALA D 97 -0.36 -3.50 34.61
C ALA D 97 -0.52 -4.23 35.95
N GLY D 98 0.54 -4.90 36.39
CA GLY D 98 0.48 -5.73 37.59
C GLY D 98 1.10 -5.03 38.78
N ALA D 99 2.42 -4.85 38.72
CA ALA D 99 3.26 -4.35 39.86
C ALA D 99 2.65 -3.26 40.75
N SER D 100 1.80 -2.42 40.13
CA SER D 100 1.08 -1.32 40.83
C SER D 100 0.25 -1.78 42.05
N ASN E 2 11.52 7.69 -5.10
CA ASN E 2 12.66 7.05 -4.37
C ASN E 2 12.58 7.11 -2.82
N ALA E 3 13.34 6.22 -2.17
CA ALA E 3 13.25 5.89 -0.73
C ALA E 3 13.50 7.07 0.22
N MSE E 4 14.13 6.80 1.37
CA MSE E 4 14.26 7.84 2.39
C MSE E 4 15.27 7.57 3.52
O MSE E 4 15.43 6.45 3.98
CB MSE E 4 12.91 8.08 2.97
CG MSE E 4 12.50 6.99 3.83
SE MSE E 4 12.19 7.83 5.50
CE MSE E 4 13.01 9.58 5.19
N GLU E 5 15.91 8.66 3.98
CA GLU E 5 17.18 8.59 4.70
C GLU E 5 17.21 9.21 6.09
N VAL E 6 17.83 8.50 7.02
CA VAL E 6 18.18 9.06 8.31
C VAL E 6 19.49 9.76 8.08
N THR E 7 19.35 11.04 7.74
CA THR E 7 20.42 11.95 7.42
C THR E 7 21.34 12.23 8.60
N ASP E 8 20.79 12.28 9.81
CA ASP E 8 21.60 12.59 10.98
C ASP E 8 20.97 12.23 12.34
N VAL E 9 21.81 11.95 13.33
CA VAL E 9 21.37 11.48 14.63
C VAL E 9 22.09 12.24 15.74
N ARG E 10 21.33 12.94 16.59
CA ARG E 10 21.89 13.52 17.82
C ARG E 10 21.33 12.76 19.02
N LEU E 11 22.21 12.22 19.86
CA LEU E 11 21.83 11.30 20.92
C LEU E 11 22.30 11.80 22.29
N ARG E 12 21.53 11.49 23.34
CA ARG E 12 21.83 11.91 24.70
C ARG E 12 21.74 10.69 25.63
N ARG E 13 22.88 10.24 26.18
CA ARG E 13 22.86 9.08 27.07
C ARG E 13 22.35 9.45 28.47
N VAL E 14 21.54 8.57 29.03
CA VAL E 14 20.82 8.77 30.27
C VAL E 14 21.20 7.64 31.22
N ASN E 15 21.56 7.98 32.46
CA ASN E 15 21.80 6.94 33.48
C ASN E 15 20.79 7.12 34.60
N THR E 16 19.79 6.23 34.66
CA THR E 16 18.74 6.38 35.70
C THR E 16 17.98 5.11 36.13
N ASP E 17 18.69 4.13 36.72
CA ASP E 17 18.05 3.02 37.47
C ASP E 17 16.93 2.23 36.77
N GLY E 18 16.23 2.87 35.84
CA GLY E 18 15.20 2.24 35.03
C GLY E 18 15.82 1.69 33.77
N ARG E 19 14.99 1.54 32.75
CA ARG E 19 15.41 0.90 31.51
C ARG E 19 15.85 1.85 30.39
N MSE E 20 15.64 3.15 30.62
CA MSE E 20 15.99 4.18 29.64
C MSE E 20 17.47 4.50 29.51
O MSE E 20 18.10 4.97 30.45
CB MSE E 20 15.23 5.45 29.95
CG MSE E 20 13.98 5.57 29.14
SE MSE E 20 14.25 7.21 28.16
CE MSE E 20 13.62 8.51 29.52
N ARG E 21 18.02 4.28 28.32
CA ARG E 21 19.46 4.41 28.10
C ARG E 21 19.85 5.67 27.39
N ALA E 22 19.04 6.11 26.42
CA ALA E 22 19.28 7.37 25.73
C ALA E 22 18.02 7.92 25.06
N ILE E 23 17.95 9.24 24.92
CA ILE E 23 16.90 9.93 24.17
C ILE E 23 17.60 10.46 22.94
N ALA E 24 16.96 10.40 21.78
CA ALA E 24 17.60 10.86 20.57
C ALA E 24 16.68 11.62 19.65
N SER E 25 17.30 12.50 18.88
CA SER E 25 16.67 13.20 17.78
C SER E 25 17.28 12.67 16.52
N ILE E 26 16.46 12.53 15.48
CA ILE E 26 17.01 12.18 14.17
C ILE E 26 16.48 13.14 13.12
N THR E 27 17.20 13.19 12.01
CA THR E 27 16.84 14.02 10.86
C THR E 27 16.60 13.18 9.60
N LEU E 28 15.41 13.33 9.03
CA LEU E 28 15.08 12.70 7.75
C LEU E 28 15.37 13.66 6.60
N ASP E 29 16.03 13.12 5.56
CA ASP E 29 16.18 13.76 4.25
C ASP E 29 16.82 15.15 4.31
N HIS E 30 17.61 15.42 5.34
CA HIS E 30 18.30 16.72 5.54
C HIS E 30 17.38 17.88 5.91
N GLU E 31 16.11 17.60 6.22
CA GLU E 31 15.18 18.69 6.49
C GLU E 31 14.02 18.45 7.45
N PHE E 32 13.82 17.23 7.92
CA PHE E 32 12.74 16.96 8.86
C PHE E 32 13.30 16.30 10.11
N VAL E 33 12.97 16.84 11.27
CA VAL E 33 13.58 16.36 12.50
C VAL E 33 12.53 15.72 13.36
N VAL E 34 12.86 14.55 13.89
CA VAL E 34 12.00 13.87 14.84
C VAL E 34 12.73 13.78 16.18
N HIS E 35 12.12 14.31 17.23
CA HIS E 35 12.69 14.28 18.57
C HIS E 35 12.08 13.16 19.37
N ASP E 36 12.53 13.01 20.61
CA ASP E 36 11.90 12.11 21.56
C ASP E 36 11.90 10.63 21.25
N ILE E 37 12.95 10.18 20.60
CA ILE E 37 13.10 8.76 20.31
C ILE E 37 13.91 8.12 21.45
N ARG E 38 13.39 7.02 22.00
CA ARG E 38 13.99 6.34 23.14
C ARG E 38 14.77 5.10 22.77
N VAL E 39 15.92 4.93 23.42
CA VAL E 39 16.63 3.66 23.48
C VAL E 39 16.36 3.05 24.84
N ILE E 40 15.70 1.90 24.88
CA ILE E 40 15.23 1.28 26.11
C ILE E 40 15.81 -0.13 26.29
N ASP E 41 16.36 -0.41 27.48
CA ASP E 41 16.92 -1.73 27.76
C ASP E 41 15.81 -2.74 28.03
N GLY E 42 15.38 -3.45 27.00
CA GLY E 42 14.35 -4.46 27.16
C GLY E 42 14.84 -5.73 27.82
N ASN E 43 13.91 -6.65 28.08
CA ASN E 43 14.26 -7.98 28.55
C ASN E 43 15.32 -8.56 27.63
N ASN E 44 14.98 -8.80 26.37
CA ASN E 44 15.96 -9.27 25.40
C ASN E 44 16.84 -8.16 24.88
N GLY E 45 17.19 -7.17 25.69
CA GLY E 45 18.16 -6.16 25.27
C GLY E 45 17.63 -4.88 24.63
N LEU E 46 18.52 -4.01 24.16
CA LEU E 46 18.17 -2.70 23.59
C LEU E 46 17.18 -2.72 22.41
N PHE E 47 16.09 -2.00 22.55
CA PHE E 47 15.26 -1.72 21.40
C PHE E 47 15.02 -0.22 21.31
N VAL E 48 14.53 0.28 20.17
CA VAL E 48 14.13 1.70 20.14
C VAL E 48 12.62 1.88 20.05
N ALA E 49 12.15 2.98 20.62
CA ALA E 49 10.75 3.32 20.64
C ALA E 49 10.58 4.73 20.11
N MSE E 50 9.60 4.91 19.23
CA MSE E 50 9.24 6.22 18.67
C MSE E 50 8.41 7.01 19.68
O MSE E 50 7.78 6.42 20.57
CB MSE E 50 8.38 6.05 17.43
CG MSE E 50 8.93 5.16 16.36
SE MSE E 50 10.17 6.20 15.33
CE MSE E 50 11.79 5.27 15.90
N PRO E 51 8.40 8.34 19.55
CA PRO E 51 7.57 9.18 20.41
C PRO E 51 6.14 8.65 20.44
N SER E 52 5.57 8.52 21.64
CA SER E 52 4.32 7.79 21.84
C SER E 52 3.26 8.64 22.50
N LYS E 53 1.99 8.32 22.24
CA LYS E 53 0.91 8.98 22.95
C LYS E 53 -0.13 8.01 23.49
N GLU E 59 -4.75 2.54 24.29
CA GLU E 59 -4.10 3.67 24.96
C GLU E 59 -2.90 4.31 24.22
N PHE E 60 -1.92 3.50 23.80
CA PHE E 60 -0.57 4.05 23.52
C PHE E 60 0.22 3.50 22.31
N ARG E 61 0.31 4.31 21.25
CA ARG E 61 1.13 3.98 20.07
C ARG E 61 1.99 5.16 19.52
N ASP E 62 2.67 4.91 18.40
CA ASP E 62 3.60 5.85 17.78
C ASP E 62 2.91 7.10 17.27
N ILE E 63 3.41 8.27 17.64
CA ILE E 63 3.00 9.54 17.02
C ILE E 63 3.61 9.59 15.64
N THR E 64 4.76 8.96 15.51
CA THR E 64 5.61 9.08 14.37
C THR E 64 5.97 7.67 13.95
N HIS E 65 5.34 7.20 12.88
CA HIS E 65 5.25 5.75 12.63
C HIS E 65 5.81 5.27 11.30
N PRO E 66 6.90 4.49 11.32
CA PRO E 66 7.29 3.83 10.07
C PRO E 66 6.21 2.83 9.62
N ILE E 67 5.74 2.96 8.39
CA ILE E 67 4.67 2.07 7.88
C ILE E 67 5.08 0.58 7.87
N ASN E 68 6.37 0.29 7.71
CA ASN E 68 6.80 -1.08 7.79
C ASN E 68 8.11 -1.27 8.50
N SER E 69 8.36 -2.53 8.87
CA SER E 69 9.50 -2.91 9.71
C SER E 69 10.85 -2.69 9.04
N SER E 70 10.89 -2.75 7.71
CA SER E 70 12.15 -2.52 7.02
C SER E 70 12.51 -1.03 7.03
N THR E 71 11.52 -0.16 6.89
CA THR E 71 11.78 1.25 7.06
C THR E 71 12.06 1.58 8.54
N ARG E 72 11.32 0.94 9.45
CA ARG E 72 11.72 1.03 10.86
C ARG E 72 13.20 0.69 11.03
N GLY E 73 13.63 -0.39 10.36
CA GLY E 73 14.99 -0.89 10.46
C GLY E 73 15.97 0.23 10.19
N LYS E 74 15.80 0.87 9.03
CA LYS E 74 16.60 2.03 8.66
C LYS E 74 16.79 2.99 9.86
N ILE E 75 15.68 3.32 10.54
CA ILE E 75 15.74 4.29 11.60
C ILE E 75 16.35 3.71 12.86
N GLN E 76 15.78 2.60 13.36
CA GLN E 76 16.38 1.87 14.49
C GLN E 76 17.88 1.72 14.35
N ASP E 77 18.32 1.21 13.19
CA ASP E 77 19.73 0.93 12.96
C ASP E 77 20.59 2.17 13.08
N ALA E 78 20.19 3.24 12.43
CA ALA E 78 20.95 4.45 12.48
C ALA E 78 21.01 5.01 13.90
N VAL E 79 19.92 4.86 14.66
CA VAL E 79 19.92 5.27 16.06
C VAL E 79 20.84 4.39 16.87
N LEU E 80 20.65 3.06 16.80
CA LEU E 80 21.49 2.11 17.56
C LEU E 80 22.96 2.17 17.21
N ASN E 81 23.27 2.59 15.99
CA ASN E 81 24.64 2.81 15.59
C ASN E 81 25.27 3.97 16.31
N GLU E 82 24.54 5.08 16.44
CA GLU E 82 25.08 6.29 17.10
C GLU E 82 25.26 5.97 18.56
N TYR E 83 24.38 5.12 19.06
CA TYR E 83 24.48 4.73 20.43
C TYR E 83 25.72 3.88 20.70
N HIS E 84 26.13 3.07 19.76
CA HIS E 84 27.29 2.23 19.98
C HIS E 84 28.52 2.80 19.34
N ARG E 85 28.49 4.12 19.13
CA ARG E 85 29.59 4.90 18.57
C ARG E 85 30.32 4.16 17.45
N LEU E 86 29.55 3.45 16.64
CA LEU E 86 30.05 2.69 15.53
C LEU E 86 30.41 3.57 14.35
N GLY E 87 29.70 4.69 14.20
CA GLY E 87 29.88 5.59 13.05
C GLY E 87 31.07 6.47 13.26
N ASP E 88 31.68 6.34 14.43
CA ASP E 88 32.69 7.27 14.88
C ASP E 88 34.01 7.15 14.11
N THR E 89 34.27 8.14 13.27
CA THR E 89 35.54 8.22 12.54
C THR E 89 36.42 9.34 13.14
N GLU E 90 36.06 9.75 14.36
CA GLU E 90 36.82 10.71 15.18
C GLU E 90 36.03 11.99 15.45
N SER F 1 15.73 10.05 0.36
CA SER F 1 15.89 10.99 -0.79
C SER F 1 16.61 12.28 -0.39
N ASN F 2 16.80 13.19 -1.36
CA ASN F 2 17.52 14.44 -1.12
C ASN F 2 16.77 15.45 -0.25
N ALA F 3 15.47 15.58 -0.52
CA ALA F 3 14.52 16.24 0.36
C ALA F 3 13.34 15.29 0.36
N MSE F 4 12.43 15.45 1.30
CA MSE F 4 11.28 14.54 1.27
C MSE F 4 10.01 15.14 0.72
O MSE F 4 9.83 16.36 0.67
CB MSE F 4 11.01 13.87 2.63
CG MSE F 4 10.26 14.71 3.60
SE MSE F 4 11.26 16.33 3.59
CE MSE F 4 9.76 17.48 4.13
N GLU F 5 9.14 14.23 0.32
CA GLU F 5 7.92 14.53 -0.36
C GLU F 5 6.82 14.18 0.61
N VAL F 6 5.95 15.12 0.92
CA VAL F 6 4.72 14.77 1.59
C VAL F 6 4.00 13.89 0.58
N THR F 7 3.91 12.62 0.89
CA THR F 7 3.37 11.67 -0.02
C THR F 7 1.84 11.60 0.06
N ASP F 8 1.30 11.90 1.23
CA ASP F 8 -0.13 11.80 1.46
C ASP F 8 -0.55 12.65 2.64
N VAL F 9 -1.74 13.21 2.56
CA VAL F 9 -2.33 13.96 3.65
C VAL F 9 -3.71 13.38 3.94
N ARG F 10 -3.86 12.74 5.08
CA ARG F 10 -5.15 12.22 5.50
C ARG F 10 -5.60 13.15 6.59
N LEU F 11 -6.75 13.79 6.36
CA LEU F 11 -7.20 14.89 7.20
C LEU F 11 -8.67 14.75 7.56
N ARG F 12 -8.98 15.11 8.80
CA ARG F 12 -10.37 15.11 9.27
C ARG F 12 -10.73 16.51 9.77
N ARG F 13 -11.74 17.11 9.14
CA ARG F 13 -12.23 18.44 9.54
C ARG F 13 -12.98 18.29 10.85
N VAL F 14 -12.92 19.34 11.66
CA VAL F 14 -13.49 19.29 12.98
C VAL F 14 -14.16 20.64 13.26
N ASN F 15 -15.50 20.63 13.31
CA ASN F 15 -16.24 21.76 13.83
C ASN F 15 -16.23 21.78 15.35
N THR F 16 -15.83 22.91 15.90
CA THR F 16 -15.59 23.01 17.33
C THR F 16 -15.62 24.46 17.81
N ASP F 17 -15.57 24.63 19.13
CA ASP F 17 -15.60 25.94 19.72
C ASP F 17 -14.24 26.24 20.34
N GLY F 18 -13.27 26.30 19.45
CA GLY F 18 -11.89 26.64 19.76
C GLY F 18 -11.16 26.98 18.46
N ARG F 19 -9.87 27.27 18.59
CA ARG F 19 -9.04 27.68 17.46
C ARG F 19 -8.77 26.52 16.47
N MSE F 20 -9.16 25.30 16.86
CA MSE F 20 -8.78 24.08 16.13
C MSE F 20 -9.81 23.56 15.12
O MSE F 20 -10.93 23.20 15.47
CB MSE F 20 -8.44 22.96 17.11
CG MSE F 20 -7.47 21.96 16.53
SE MSE F 20 -7.88 20.13 17.04
CE MSE F 20 -9.63 19.94 16.22
N ARG F 21 -9.37 23.47 13.86
CA ARG F 21 -10.24 23.15 12.75
C ARG F 21 -10.12 21.73 12.22
N ALA F 22 -8.90 21.20 12.19
CA ALA F 22 -8.66 19.86 11.63
C ALA F 22 -7.51 19.14 12.31
N ILE F 23 -7.67 17.83 12.50
CA ILE F 23 -6.56 16.96 12.85
C ILE F 23 -6.17 16.18 11.61
N ALA F 24 -4.87 16.01 11.39
CA ALA F 24 -4.41 15.31 10.20
C ALA F 24 -3.19 14.47 10.43
N SER F 25 -2.93 13.59 9.46
CA SER F 25 -1.73 12.79 9.41
C SER F 25 -1.09 12.98 8.05
N ILE F 26 0.21 13.23 8.03
CA ILE F 26 0.93 13.11 6.77
C ILE F 26 1.73 11.81 6.66
N THR F 27 2.07 11.46 5.42
CA THR F 27 3.06 10.44 5.13
C THR F 27 4.20 11.08 4.39
N LEU F 28 5.41 10.94 4.88
CA LEU F 28 6.58 11.38 4.17
C LEU F 28 7.18 10.21 3.43
N ASP F 29 7.49 10.41 2.16
CA ASP F 29 8.18 9.42 1.33
C ASP F 29 7.52 8.06 1.17
N HIS F 30 6.19 8.03 1.16
CA HIS F 30 5.45 6.78 1.04
C HIS F 30 5.73 5.85 2.21
N GLU F 31 6.46 6.31 3.22
CA GLU F 31 7.04 5.40 4.21
C GLU F 31 6.89 5.79 5.69
N PHE F 32 7.01 7.05 6.01
CA PHE F 32 7.01 7.49 7.40
C PHE F 32 5.76 8.33 7.69
N VAL F 33 5.06 8.00 8.75
CA VAL F 33 3.82 8.71 9.08
C VAL F 33 3.97 9.65 10.27
N VAL F 34 3.41 10.85 10.18
CA VAL F 34 3.32 11.73 11.31
C VAL F 34 1.86 11.97 11.62
N HIS F 35 1.44 11.50 12.79
CA HIS F 35 0.10 11.71 13.32
C HIS F 35 -0.02 13.02 14.06
N ASP F 36 -1.27 13.42 14.36
CA ASP F 36 -1.58 14.52 15.29
C ASP F 36 -1.20 15.92 14.83
N ILE F 37 -1.09 16.12 13.52
CA ILE F 37 -0.96 17.48 13.02
C ILE F 37 -2.29 18.20 13.20
N ARG F 38 -2.22 19.49 13.52
CA ARG F 38 -3.42 20.30 13.72
C ARG F 38 -3.50 21.47 12.75
N VAL F 39 -4.67 21.63 12.13
CA VAL F 39 -4.97 22.85 11.39
C VAL F 39 -5.68 23.86 12.31
N ILE F 40 -5.03 24.99 12.54
CA ILE F 40 -5.48 25.97 13.50
C ILE F 40 -5.67 27.38 12.93
N ASP F 41 -6.86 27.93 13.18
CA ASP F 41 -7.11 29.36 12.92
C ASP F 41 -6.71 30.17 14.14
N GLY F 42 -5.77 31.07 13.93
CA GLY F 42 -5.35 31.98 14.99
C GLY F 42 -4.63 33.18 14.42
N ASN F 43 -5.16 34.37 14.72
CA ASN F 43 -4.38 35.62 14.72
C ASN F 43 -3.52 35.94 13.49
N ASN F 44 -3.99 35.56 12.30
CA ASN F 44 -3.24 35.74 11.06
C ASN F 44 -3.68 34.73 10.02
N GLY F 45 -4.85 34.15 10.25
CA GLY F 45 -5.31 33.07 9.40
C GLY F 45 -4.77 31.77 9.91
N LEU F 46 -5.14 30.69 9.20
CA LEU F 46 -4.84 29.31 9.60
C LEU F 46 -3.36 28.98 9.49
N PHE F 47 -2.90 28.17 10.44
CA PHE F 47 -1.57 27.58 10.35
C PHE F 47 -1.62 26.09 10.70
N VAL F 48 -0.66 25.35 10.17
CA VAL F 48 -0.50 23.94 10.47
C VAL F 48 0.43 23.82 11.67
N ALA F 49 0.02 23.05 12.68
CA ALA F 49 0.81 22.87 13.89
C ALA F 49 1.28 21.44 14.09
N MSE F 50 2.59 21.25 14.10
CA MSE F 50 3.21 19.97 14.43
C MSE F 50 2.74 19.51 15.80
O MSE F 50 2.34 20.31 16.62
CB MSE F 50 4.72 20.09 14.42
CG MSE F 50 5.35 20.48 13.09
SE MSE F 50 4.98 19.19 11.66
CE MSE F 50 3.42 20.03 10.85
N PRO F 51 2.79 18.19 16.05
CA PRO F 51 2.48 17.74 17.40
C PRO F 51 3.59 18.16 18.36
N SER F 52 3.24 18.40 19.61
CA SER F 52 4.14 18.96 20.61
C SER F 52 3.90 18.36 21.99
N LYS F 53 4.89 18.51 22.87
CA LYS F 53 4.86 17.87 24.17
C LYS F 53 4.95 18.94 25.27
N ARG F 54 4.28 18.66 26.39
CA ARG F 54 4.37 19.41 27.68
C ARG F 54 4.53 20.95 27.58
N ARG F 61 6.86 22.47 23.18
CA ARG F 61 7.82 22.31 22.07
C ARG F 61 7.47 21.17 21.09
N ASP F 62 7.76 21.40 19.80
CA ASP F 62 7.49 20.43 18.71
C ASP F 62 8.19 19.09 18.92
N ILE F 63 7.43 18.01 18.76
CA ILE F 63 7.96 16.65 18.76
C ILE F 63 8.67 16.38 17.42
N THR F 64 8.21 17.07 16.40
CA THR F 64 8.67 16.83 15.06
C THR F 64 8.68 18.21 14.43
N HIS F 65 9.76 18.60 13.78
CA HIS F 65 9.82 19.96 13.27
C HIS F 65 10.73 20.15 12.07
N PRO F 66 10.22 20.84 11.04
CA PRO F 66 10.96 21.16 9.83
C PRO F 66 12.11 22.07 10.18
N ILE F 67 13.27 21.85 9.57
CA ILE F 67 14.47 22.64 9.85
C ILE F 67 14.28 24.09 9.41
N ASN F 68 14.09 24.27 8.10
CA ASN F 68 13.88 25.58 7.50
C ASN F 68 12.40 25.88 7.27
N SER F 69 12.08 27.15 7.06
CA SER F 69 10.71 27.54 6.72
C SER F 69 10.41 27.23 5.26
N SER F 70 11.44 26.78 4.54
CA SER F 70 11.30 26.25 3.18
C SER F 70 10.46 24.96 3.14
N THR F 71 10.93 23.95 3.86
CA THR F 71 10.20 22.70 3.97
C THR F 71 8.98 22.86 4.87
N ARG F 72 9.10 23.73 5.89
CA ARG F 72 7.93 24.11 6.71
C ARG F 72 6.82 24.68 5.79
N GLY F 73 7.25 25.44 4.79
CA GLY F 73 6.42 25.79 3.65
C GLY F 73 5.71 24.59 3.04
N LYS F 74 6.46 23.70 2.38
CA LYS F 74 5.78 22.62 1.68
C LYS F 74 4.89 21.75 2.56
N ILE F 75 5.32 21.44 3.76
CA ILE F 75 4.44 20.69 4.68
C ILE F 75 3.15 21.48 4.92
N GLN F 76 3.28 22.74 5.33
CA GLN F 76 2.12 23.59 5.66
C GLN F 76 1.17 23.76 4.50
N ASP F 77 1.72 24.03 3.32
CA ASP F 77 0.98 24.11 2.06
C ASP F 77 0.20 22.85 1.79
N ALA F 78 0.88 21.71 1.75
CA ALA F 78 0.23 20.42 1.49
C ALA F 78 -0.94 20.10 2.44
N VAL F 79 -0.82 20.46 3.72
CA VAL F 79 -1.89 20.16 4.68
C VAL F 79 -3.04 21.14 4.46
N LEU F 80 -2.69 22.42 4.34
CA LEU F 80 -3.65 23.46 4.01
C LEU F 80 -4.41 23.16 2.70
N ASN F 81 -3.68 22.93 1.62
CA ASN F 81 -4.32 22.61 0.37
C ASN F 81 -5.33 21.48 0.54
N GLU F 82 -4.95 20.42 1.26
CA GLU F 82 -5.87 19.32 1.52
C GLU F 82 -7.05 19.72 2.42
N TYR F 83 -6.83 20.63 3.36
CA TYR F 83 -7.93 21.16 4.18
C TYR F 83 -8.95 21.85 3.29
N HIS F 84 -8.44 22.78 2.48
CA HIS F 84 -9.24 23.58 1.59
C HIS F 84 -9.89 22.75 0.49
N ARG F 85 -9.15 21.80 -0.08
CA ARG F 85 -9.70 20.93 -1.12
C ARG F 85 -10.88 20.13 -0.58
N LEU F 86 -10.77 19.73 0.67
CA LEU F 86 -11.82 18.98 1.30
C LEU F 86 -13.03 19.87 1.55
N GLY F 87 -12.77 21.10 1.99
CA GLY F 87 -13.83 22.08 2.25
C GLY F 87 -14.63 22.37 1.00
N ASP F 88 -14.01 23.06 0.05
CA ASP F 88 -14.60 23.26 -1.26
C ASP F 88 -15.40 22.05 -1.76
N THR F 89 -14.77 20.87 -1.84
CA THR F 89 -15.43 19.68 -2.38
C THR F 89 -16.70 19.32 -1.60
N GLU F 90 -16.64 19.43 -0.29
CA GLU F 90 -17.79 19.11 0.53
C GLU F 90 -18.90 20.13 0.34
N ALA F 91 -18.56 21.42 0.39
CA ALA F 91 -19.54 22.49 0.15
C ALA F 91 -20.25 22.31 -1.19
N LEU F 92 -19.49 22.05 -2.24
CA LEU F 92 -20.04 22.01 -3.58
C LEU F 92 -20.70 20.68 -3.94
N GLU F 93 -20.71 19.74 -3.01
CA GLU F 93 -21.40 18.46 -3.19
C GLU F 93 -22.81 18.49 -2.64
N PHE F 94 -23.06 19.36 -1.66
CA PHE F 94 -24.40 19.48 -1.09
C PHE F 94 -25.36 20.27 -1.98
N GLU F 95 -24.79 20.95 -2.98
CA GLU F 95 -25.52 21.54 -4.11
C GLU F 95 -26.32 20.48 -4.84
N GLU F 96 -25.61 19.49 -5.37
CA GLU F 96 -26.16 18.49 -6.25
C GLU F 96 -26.65 17.26 -5.49
S SO4 G . -16.00 16.38 -25.79
O1 SO4 G . -15.88 17.79 -26.20
O2 SO4 G . -14.68 15.82 -25.51
O3 SO4 G . -16.60 15.61 -26.88
O4 SO4 G . -16.79 16.28 -24.55
C1 PEG H . -15.93 32.37 -6.11
O1 PEG H . -15.48 32.02 -4.79
C2 PEG H . -17.16 33.30 -6.03
O2 PEG H . -17.63 33.66 -7.34
C3 PEG H . -18.72 32.83 -7.77
C4 PEG H . -18.30 32.02 -9.00
O4 PEG H . -18.65 32.78 -10.17
C1 PEG I . -13.38 35.68 -11.53
O1 PEG I . -14.00 36.69 -10.70
C2 PEG I . -12.77 36.29 -12.83
O2 PEG I . -12.30 37.67 -12.70
C3 PEG I . -11.25 38.07 -13.59
C4 PEG I . -9.95 38.23 -12.80
O4 PEG I . -8.85 38.42 -13.70
C1 PEG J . -11.08 39.80 -19.03
O1 PEG J . -12.11 38.85 -18.72
C2 PEG J . -10.83 39.74 -20.53
O2 PEG J . -9.91 40.79 -20.84
C3 PEG J . -8.55 40.36 -20.76
C4 PEG J . -7.70 41.42 -20.07
O4 PEG J . -8.46 42.63 -19.85
C1 PEG K . -14.59 44.69 -20.45
O1 PEG K . -14.44 43.33 -20.91
C2 PEG K . -13.25 45.43 -20.65
O2 PEG K . -12.47 45.29 -19.44
C3 PEG K . -11.31 46.14 -19.45
C4 PEG K . -10.93 46.66 -18.02
O4 PEG K . -10.04 47.86 -18.36
S SO4 L . -15.19 6.80 -28.19
O1 SO4 L . -15.78 8.15 -28.20
O2 SO4 L . -14.04 6.74 -27.28
O3 SO4 L . -14.67 6.44 -29.50
O4 SO4 L . -16.21 5.82 -27.78
C1 PEG M . -0.90 -33.02 1.98
O1 PEG M . -1.52 -33.95 2.87
C2 PEG M . -0.01 -33.74 0.94
O2 PEG M . 1.36 -33.30 1.00
C3 PEG M . 1.94 -33.07 -0.29
C4 PEG M . 3.31 -33.77 -0.46
O4 PEG M . 3.76 -33.62 -1.83
S SO4 N . 6.31 -1.36 12.04
O1 SO4 N . 5.87 0.04 11.89
O2 SO4 N . 7.76 -1.43 12.14
O3 SO4 N . 5.88 -2.20 10.91
O4 SO4 N . 5.72 -1.88 13.27
#